data_2OUW
#
_entry.id   2OUW
#
_cell.length_a   62.683
_cell.length_b   62.683
_cell.length_c   216.707
_cell.angle_alpha   90.000
_cell.angle_beta   90.000
_cell.angle_gamma   120.000
#
_symmetry.space_group_name_H-M   'P 63 2 2'
#
loop_
_entity.id
_entity.type
_entity.pdbx_description
1 polymer 'Alkylhydroperoxidase AhpD core'
2 non-polymer 'SODIUM ION'
3 non-polymer 'UNKNOWN LIGAND'
4 non-polymer 'ACETIC ACID'
5 water water
#
_entity_poly.entity_id   1
_entity_poly.type   'polypeptide(L)'
_entity_poly.pdbx_seq_one_letter_code
;G(MSE)ATVRLLDDAEISTLPEVKAVFDDIRATRGSDFVNNIWRGLANDPALLKRTWEQVKTV(MSE)VGEGALDPLTRE
(MSE)IYLAVSTANSCSYCAHSHTAAARAKG(MSE)TPAQHAEVLAIIGLAAQTNALVTA(MSE)QIPVDEAFLVDGK
;
_entity_poly.pdbx_strand_id   A,B
#
loop_
_chem_comp.id
_chem_comp.type
_chem_comp.name
_chem_comp.formula
ACY non-polymer 'ACETIC ACID' 'C2 H4 O2'
NA non-polymer 'SODIUM ION' 'Na 1'
UNL non-polymer 'UNKNOWN LIGAND' ?
#
# COMPACT_ATOMS: atom_id res chain seq x y z
N GLY A 1 -3.35 -11.28 29.65
CA GLY A 1 -2.38 -10.39 28.99
C GLY A 1 -3.12 -9.34 28.21
N MSE A 2 -2.43 -8.67 27.30
CA MSE A 2 -3.06 -7.72 26.40
C MSE A 2 -3.41 -8.33 25.03
O MSE A 2 -4.35 -7.90 24.38
CB MSE A 2 -2.11 -6.57 26.21
CG MSE A 2 -2.73 -5.30 25.76
SE MSE A 2 -1.57 -3.84 26.34
CE MSE A 2 0.30 -4.79 26.64
N ALA A 3 -2.62 -9.30 24.58
CA ALA A 3 -2.94 -10.11 23.39
C ALA A 3 -4.01 -11.18 23.71
N THR A 4 -4.68 -11.71 22.68
CA THR A 4 -5.68 -12.80 22.84
C THR A 4 -5.05 -14.18 22.84
N VAL A 5 -3.73 -14.25 22.71
CA VAL A 5 -2.96 -15.48 22.82
C VAL A 5 -1.76 -15.17 23.70
N ARG A 6 -1.08 -16.18 24.22
CA ARG A 6 0.15 -15.89 24.93
C ARG A 6 1.29 -15.61 23.96
N LEU A 7 2.26 -14.81 24.41
CA LEU A 7 3.40 -14.46 23.59
C LEU A 7 4.55 -15.28 24.13
N LEU A 8 4.96 -16.32 23.41
CA LEU A 8 6.01 -17.21 23.90
C LEU A 8 7.34 -16.47 24.06
N ASP A 9 7.99 -16.63 25.22
CA ASP A 9 9.29 -16.02 25.47
C ASP A 9 10.41 -16.99 25.08
N ASP A 10 11.64 -16.49 25.11
CA ASP A 10 12.77 -17.28 24.61
C ASP A 10 12.96 -18.54 25.45
N ALA A 11 12.73 -18.42 26.75
CA ALA A 11 12.87 -19.57 27.63
C ALA A 11 11.98 -20.73 27.17
N GLU A 12 10.72 -20.47 26.87
CA GLU A 12 9.79 -21.51 26.38
CA GLU A 12 9.83 -21.55 26.42
C GLU A 12 10.22 -22.03 25.02
N ILE A 13 10.60 -21.12 24.15
CA ILE A 13 11.00 -21.49 22.80
C ILE A 13 12.26 -22.41 22.81
N SER A 14 13.16 -22.23 23.79
CA SER A 14 14.31 -23.14 23.96
C SER A 14 13.99 -24.62 23.84
N THR A 15 12.88 -25.04 24.42
CA THR A 15 12.48 -26.45 24.50
C THR A 15 11.45 -26.82 23.44
N LEU A 16 11.25 -25.95 22.47
CA LEU A 16 10.29 -26.20 21.41
C LEU A 16 11.07 -26.22 20.11
N PRO A 17 11.63 -27.40 19.77
CA PRO A 17 12.56 -27.57 18.66
C PRO A 17 12.03 -27.01 17.30
N GLU A 18 10.77 -27.29 16.94
CA GLU A 18 10.22 -26.76 15.69
C GLU A 18 10.13 -25.21 15.70
N VAL A 19 9.85 -24.65 16.87
CA VAL A 19 9.68 -23.21 17.03
C VAL A 19 11.03 -22.54 17.14
N LYS A 20 11.97 -23.12 17.90
CA LYS A 20 13.32 -22.52 17.97
C LYS A 20 13.99 -22.55 16.59
N ALA A 21 13.73 -23.59 15.81
CA ALA A 21 14.23 -23.62 14.42
C ALA A 21 13.85 -22.36 13.65
N VAL A 22 12.64 -21.87 13.82
CA VAL A 22 12.17 -20.69 13.11
C VAL A 22 12.78 -19.42 13.72
N PHE A 23 12.76 -19.32 15.04
CA PHE A 23 13.30 -18.14 15.70
C PHE A 23 14.79 -18.02 15.40
N ASP A 24 15.47 -19.16 15.37
CA ASP A 24 16.88 -19.18 14.96
C ASP A 24 17.01 -18.72 13.53
N ASP A 25 16.12 -19.21 12.66
CA ASP A 25 16.14 -18.83 11.24
C ASP A 25 15.84 -17.35 11.09
N ILE A 26 14.86 -16.83 11.84
CA ILE A 26 14.56 -15.39 11.80
C ILE A 26 15.77 -14.56 12.22
N ARG A 27 16.42 -14.97 13.30
CA ARG A 27 17.57 -14.22 13.83
C ARG A 27 18.78 -14.29 12.90
N ALA A 28 19.04 -15.50 12.41
CA ALA A 28 20.07 -15.78 11.40
C ALA A 28 19.82 -15.00 10.11
N THR A 29 18.55 -14.76 9.82
CA THR A 29 18.17 -14.07 8.59
C THR A 29 18.27 -12.52 8.75
N ARG A 30 17.82 -11.97 9.88
CA ARG A 30 17.82 -10.52 10.13
C ARG A 30 19.13 -10.02 10.78
N GLY A 31 20.05 -10.94 11.03
CA GLY A 31 21.29 -10.59 11.71
C GLY A 31 21.16 -10.06 13.14
N SER A 32 19.96 -10.13 13.72
CA SER A 32 19.73 -9.59 15.07
C SER A 32 19.06 -10.60 16.00
N ASP A 33 19.26 -10.37 17.30
CA ASP A 33 18.65 -11.19 18.37
C ASP A 33 17.18 -10.86 18.65
N PHE A 34 16.76 -9.62 18.37
CA PHE A 34 15.39 -9.16 18.66
C PHE A 34 14.40 -9.73 17.66
N VAL A 35 13.43 -10.48 18.18
CA VAL A 35 12.33 -11.01 17.39
C VAL A 35 11.05 -10.35 17.92
N ASN A 36 10.31 -9.68 17.06
CA ASN A 36 9.16 -8.92 17.57
C ASN A 36 7.97 -9.81 17.93
N ASN A 37 7.00 -9.21 18.62
CA ASN A 37 5.91 -9.93 19.28
C ASN A 37 5.01 -10.73 18.35
N ILE A 38 4.81 -10.28 17.12
CA ILE A 38 3.98 -11.05 16.19
C ILE A 38 4.41 -12.55 16.19
N TRP A 39 5.71 -12.80 16.10
CA TRP A 39 6.24 -14.15 15.99
C TRP A 39 6.03 -14.94 17.26
N ARG A 40 6.13 -14.26 18.40
CA ARG A 40 5.88 -14.86 19.69
C ARG A 40 4.41 -15.27 19.87
N GLY A 41 3.50 -14.58 19.18
CA GLY A 41 2.08 -14.97 19.17
C GLY A 41 1.83 -16.13 18.22
N LEU A 42 2.42 -16.06 17.02
CA LEU A 42 2.30 -17.12 16.04
C LEU A 42 2.88 -18.42 16.54
N ALA A 43 3.81 -18.34 17.48
CA ALA A 43 4.50 -19.52 18.01
C ALA A 43 3.62 -20.52 18.74
N ASN A 44 2.41 -20.10 19.09
CA ASN A 44 1.43 -21.01 19.67
C ASN A 44 1.00 -22.11 18.69
N ASP A 45 1.07 -21.83 17.40
CA ASP A 45 0.77 -22.77 16.31
C ASP A 45 2.05 -22.92 15.47
N PRO A 46 2.97 -23.82 15.87
CA PRO A 46 4.23 -23.96 15.13
C PRO A 46 4.08 -24.08 13.60
N ALA A 47 3.09 -24.79 13.12
CA ALA A 47 2.87 -24.88 11.68
C ALA A 47 2.57 -23.51 11.04
N LEU A 48 1.67 -22.73 11.63
CA LEU A 48 1.33 -21.42 11.09
C LEU A 48 2.53 -20.48 11.14
N LEU A 49 3.25 -20.54 12.26
CA LEU A 49 4.53 -19.84 12.42
C LEU A 49 5.48 -20.12 11.25
N LYS A 50 5.69 -21.40 10.94
CA LYS A 50 6.56 -21.81 9.85
C LYS A 50 6.05 -21.28 8.51
N ARG A 51 4.77 -21.52 8.22
CA ARG A 51 4.17 -21.02 6.97
C ARG A 51 4.33 -19.51 6.81
N THR A 52 4.07 -18.78 7.88
CA THR A 52 4.13 -17.32 7.80
C THR A 52 5.57 -16.85 7.56
N TRP A 53 6.50 -17.39 8.33
CA TRP A 53 7.92 -17.07 8.13
C TRP A 53 8.41 -17.44 6.72
N GLU A 54 8.13 -18.65 6.23
CA GLU A 54 8.52 -19.03 4.86
C GLU A 54 8.05 -17.99 3.82
N GLN A 55 6.81 -17.52 3.94
CA GLN A 55 6.30 -16.48 3.01
C GLN A 55 7.08 -15.18 3.13
N VAL A 56 7.32 -14.76 4.36
CA VAL A 56 8.06 -13.52 4.58
C VAL A 56 9.47 -13.59 3.99
N LYS A 57 10.16 -14.70 4.19
CA LYS A 57 11.49 -14.86 3.60
C LYS A 57 11.47 -14.80 2.09
N THR A 58 10.56 -15.56 1.49
CA THR A 58 10.46 -15.63 0.04
C THR A 58 10.13 -14.26 -0.57
N VAL A 59 9.16 -13.58 0.02
CA VAL A 59 8.66 -12.36 -0.56
C VAL A 59 9.57 -11.18 -0.19
N MSE A 60 10.01 -11.13 1.05
CA MSE A 60 10.58 -9.90 1.58
C MSE A 60 12.10 -9.89 1.59
O MSE A 60 12.73 -8.83 1.50
CB MSE A 60 10.05 -9.64 2.99
CG MSE A 60 8.54 -9.40 3.06
SE MSE A 60 7.95 -7.91 1.93
CE MSE A 60 8.52 -6.43 3.01
N VAL A 61 12.70 -11.06 1.69
CA VAL A 61 14.13 -11.15 1.90
C VAL A 61 14.82 -11.54 0.60
N GLY A 62 15.83 -10.77 0.23
CA GLY A 62 16.82 -11.18 -0.77
C GLY A 62 16.64 -10.58 -2.14
N GLU A 63 17.35 -11.15 -3.11
CA GLU A 63 17.30 -10.70 -4.49
C GLU A 63 15.88 -10.95 -5.03
N GLY A 64 15.35 -9.95 -5.73
CA GLY A 64 14.02 -10.05 -6.30
C GLY A 64 13.70 -8.81 -7.10
N ALA A 65 12.52 -8.87 -7.69
N ALA A 65 12.45 -8.59 -7.49
CA ALA A 65 11.85 -7.71 -8.14
CA ALA A 65 12.13 -7.53 -8.50
C ALA A 65 11.58 -7.00 -6.85
C ALA A 65 12.26 -6.04 -8.10
N LEU A 66 11.92 -5.73 -6.85
CA LEU A 66 11.92 -4.49 -6.08
C LEU A 66 13.01 -4.54 -5.03
N ASP A 67 13.53 -3.38 -4.62
CA ASP A 67 14.52 -3.40 -3.52
C ASP A 67 13.80 -3.61 -2.20
N PRO A 68 14.52 -4.08 -1.18
CA PRO A 68 13.92 -4.35 0.12
C PRO A 68 13.14 -3.18 0.74
N LEU A 69 13.63 -1.97 0.54
CA LEU A 69 12.96 -0.80 1.09
C LEU A 69 11.63 -0.57 0.39
N THR A 70 11.61 -0.68 -0.94
CA THR A 70 10.37 -0.49 -1.70
C THR A 70 9.35 -1.51 -1.21
N ARG A 71 9.79 -2.75 -1.00
CA ARG A 71 8.86 -3.78 -0.56
C ARG A 71 8.28 -3.36 0.77
N GLU A 72 9.15 -2.92 1.67
CA GLU A 72 8.72 -2.53 3.00
C GLU A 72 7.73 -1.36 3.00
N MSE A 73 7.94 -0.38 2.12
CA MSE A 73 7.02 0.77 2.01
C MSE A 73 5.67 0.40 1.45
O MSE A 73 4.65 0.93 1.86
CB MSE A 73 7.65 1.85 1.15
CG MSE A 73 8.89 2.43 1.76
SE MSE A 73 9.76 3.90 0.80
CE MSE A 73 9.34 3.42 -0.76
N ILE A 74 5.62 -0.54 0.52
CA ILE A 74 4.33 -1.10 0.07
C ILE A 74 3.66 -1.83 1.23
N TYR A 75 4.46 -2.56 2.02
CA TYR A 75 3.93 -3.30 3.17
C TYR A 75 3.33 -2.37 4.24
N LEU A 76 4.01 -1.25 4.48
CA LEU A 76 3.55 -0.21 5.37
C LEU A 76 2.25 0.42 4.90
N ALA A 77 2.16 0.66 3.60
CA ALA A 77 0.99 1.28 3.03
C ALA A 77 -0.23 0.38 3.22
N VAL A 78 -0.07 -0.90 2.92
CA VAL A 78 -1.14 -1.86 3.11
C VAL A 78 -1.55 -1.88 4.56
N SER A 79 -0.57 -1.96 5.47
CA SER A 79 -0.86 -2.09 6.88
C SER A 79 -1.72 -0.93 7.38
N THR A 80 -1.45 0.26 6.82
CA THR A 80 -2.22 1.48 7.17
C THR A 80 -3.60 1.42 6.62
N ALA A 81 -3.76 1.12 5.34
CA ALA A 81 -5.07 1.06 4.77
C ALA A 81 -5.93 -0.02 5.44
N ASN A 82 -5.32 -1.13 5.89
CA ASN A 82 -6.04 -2.16 6.66
C ASN A 82 -6.25 -1.79 8.14
N SER A 83 -5.75 -0.64 8.54
CA SER A 83 -6.00 -0.07 9.86
C SER A 83 -5.37 -0.84 11.04
N CYS A 84 -4.28 -1.59 10.78
CA CYS A 84 -3.60 -2.37 11.83
C CYS A 84 -2.54 -1.54 12.59
N SER A 85 -2.83 -1.17 13.84
CA SER A 85 -1.96 -0.30 14.62
CA SER A 85 -1.96 -0.29 14.57
C SER A 85 -0.57 -0.89 14.83
N TYR A 86 -0.52 -2.14 15.26
CA TYR A 86 0.75 -2.79 15.56
C TYR A 86 1.61 -2.79 14.33
N CYS A 87 0.97 -3.14 13.22
CA CYS A 87 1.60 -3.26 11.91
C CYS A 87 2.13 -1.93 11.37
N ALA A 88 1.43 -0.82 11.64
CA ALA A 88 1.95 0.49 11.27
C ALA A 88 3.25 0.75 11.99
N HIS A 89 3.27 0.46 13.28
CA HIS A 89 4.50 0.58 14.04
C HIS A 89 5.59 -0.34 13.50
N SER A 90 5.26 -1.62 13.32
CA SER A 90 6.32 -2.60 13.01
C SER A 90 6.96 -2.31 11.67
N HIS A 91 6.15 -1.95 10.68
CA HIS A 91 6.65 -1.70 9.36
C HIS A 91 7.21 -0.30 9.13
N THR A 92 6.85 0.66 9.99
CA THR A 92 7.55 1.94 9.99
C THR A 92 8.97 1.70 10.53
N ALA A 93 9.07 0.87 11.57
CA ALA A 93 10.36 0.51 12.12
C ALA A 93 11.23 -0.26 11.10
N ALA A 94 10.64 -1.25 10.44
CA ALA A 94 11.34 -2.00 9.41
C ALA A 94 11.83 -1.12 8.25
N ALA A 95 10.97 -0.23 7.77
CA ALA A 95 11.35 0.65 6.66
C ALA A 95 12.51 1.57 7.04
N ARG A 96 12.50 2.09 8.27
CA ARG A 96 13.62 2.89 8.78
C ARG A 96 14.88 2.07 8.85
N ALA A 97 14.76 0.86 9.40
CA ALA A 97 15.93 0.00 9.48
C ALA A 97 16.45 -0.36 8.10
N LYS A 98 15.58 -0.40 7.08
CA LYS A 98 16.00 -0.63 5.71
C LYS A 98 16.34 0.68 5.00
N GLY A 99 16.51 1.76 5.74
CA GLY A 99 17.00 3.03 5.17
C GLY A 99 15.99 4.08 4.71
N MSE A 100 14.70 3.91 5.02
CA MSE A 100 13.70 4.96 4.77
C MSE A 100 14.10 6.23 5.50
O MSE A 100 14.34 6.23 6.71
CB MSE A 100 12.28 4.56 5.17
CG MSE A 100 11.23 5.61 4.85
SE MSE A 100 9.45 5.04 5.25
CE MSE A 100 9.71 5.12 7.27
N THR A 101 14.19 7.31 4.74
CA THR A 101 14.58 8.61 5.26
C THR A 101 13.31 9.41 5.59
N PRO A 102 13.41 10.47 6.41
CA PRO A 102 12.30 11.40 6.62
C PRO A 102 11.59 11.79 5.34
N ALA A 103 12.37 12.11 4.31
CA ALA A 103 11.77 12.60 3.07
C ALA A 103 10.89 11.58 2.40
N GLN A 104 11.37 10.34 2.35
CA GLN A 104 10.61 9.20 1.79
C GLN A 104 9.34 8.86 2.60
N HIS A 105 9.45 8.91 3.93
CA HIS A 105 8.33 8.66 4.83
C HIS A 105 7.19 9.65 4.63
N ALA A 106 7.56 10.90 4.39
CA ALA A 106 6.61 11.97 4.19
C ALA A 106 5.84 11.75 2.91
N GLU A 107 6.52 11.26 1.86
CA GLU A 107 5.87 11.02 0.58
CA GLU A 107 5.88 11.03 0.56
C GLU A 107 4.98 9.78 0.60
N VAL A 108 5.38 8.77 1.35
CA VAL A 108 4.55 7.58 1.55
C VAL A 108 3.23 7.98 2.24
N LEU A 109 3.33 8.77 3.30
CA LEU A 109 2.16 9.23 4.02
C LEU A 109 1.27 10.05 3.09
N ALA A 110 1.87 10.92 2.27
CA ALA A 110 1.13 11.75 1.31
C ALA A 110 0.41 10.89 0.27
N ILE A 111 1.06 9.84 -0.21
CA ILE A 111 0.41 8.95 -1.13
C ILE A 111 -0.74 8.17 -0.47
N ILE A 112 -0.54 7.72 0.74
CA ILE A 112 -1.53 6.97 1.48
C ILE A 112 -2.78 7.83 1.71
N GLY A 113 -2.59 9.08 2.11
CA GLY A 113 -3.70 9.98 2.33
C GLY A 113 -4.47 10.31 1.07
N LEU A 114 -3.73 10.50 -0.01
CA LEU A 114 -4.30 10.85 -1.29
C LEU A 114 -5.09 9.71 -1.88
N ALA A 115 -4.50 8.51 -1.85
CA ALA A 115 -5.20 7.29 -2.30
C ALA A 115 -6.42 7.02 -1.46
N ALA A 116 -6.34 7.20 -0.14
CA ALA A 116 -7.53 7.04 0.68
C ALA A 116 -8.68 7.94 0.15
N GLN A 117 -8.35 9.18 -0.21
CA GLN A 117 -9.34 10.17 -0.62
C GLN A 117 -9.95 9.79 -1.98
N THR A 118 -9.11 9.52 -2.96
CA THR A 118 -9.61 9.20 -4.31
C THR A 118 -10.37 7.89 -4.34
N ASN A 119 -9.86 6.89 -3.61
CA ASN A 119 -10.58 5.63 -3.47
C ASN A 119 -12.01 5.88 -2.94
N ALA A 120 -12.11 6.66 -1.84
CA ALA A 120 -13.40 7.01 -1.25
C ALA A 120 -14.31 7.76 -2.24
N LEU A 121 -13.74 8.69 -3.00
CA LEU A 121 -14.52 9.47 -3.94
C LEU A 121 -15.01 8.57 -5.07
N VAL A 122 -14.16 7.68 -5.57
CA VAL A 122 -14.53 6.80 -6.69
C VAL A 122 -15.65 5.84 -6.27
N THR A 123 -15.57 5.39 -5.03
CA THR A 123 -16.57 4.46 -4.47
C THR A 123 -17.91 5.15 -4.33
N ALA A 124 -17.92 6.38 -3.83
CA ALA A 124 -19.15 7.17 -3.71
C ALA A 124 -19.83 7.46 -5.06
N MSE A 125 -19.03 7.74 -6.08
CA MSE A 125 -19.52 8.01 -7.45
C MSE A 125 -19.72 6.74 -8.26
O MSE A 125 -20.33 6.77 -9.33
CB MSE A 125 -18.53 8.90 -8.19
CG MSE A 125 -18.25 10.23 -7.52
SE MSE A 125 -17.18 11.37 -8.52
CE MSE A 125 -15.50 10.42 -8.44
N GLN A 126 -19.22 5.63 -7.77
CA GLN A 126 -19.35 4.34 -8.46
C GLN A 126 -18.92 4.47 -9.92
N ILE A 127 -17.69 4.97 -10.10
CA ILE A 127 -17.14 5.23 -11.43
C ILE A 127 -16.97 3.92 -12.17
N PRO A 128 -17.54 3.80 -13.37
CA PRO A 128 -17.30 2.55 -14.07
C PRO A 128 -15.92 2.53 -14.73
N VAL A 129 -15.41 1.32 -14.94
CA VAL A 129 -14.05 1.09 -15.41
C VAL A 129 -14.02 1.52 -16.87
N ASP A 130 -13.05 2.37 -17.20
CA ASP A 130 -12.85 2.83 -18.57
C ASP A 130 -12.63 1.66 -19.54
N GLU A 131 -13.23 1.72 -20.72
CA GLU A 131 -13.06 0.62 -21.66
C GLU A 131 -11.57 0.47 -22.05
N ALA A 132 -10.82 1.57 -21.95
CA ALA A 132 -9.38 1.59 -22.23
C ALA A 132 -8.61 0.63 -21.37
N PHE A 133 -8.99 0.56 -20.09
CA PHE A 133 -8.34 -0.32 -19.13
C PHE A 133 -8.64 -1.80 -19.41
N LEU A 134 -9.59 -2.11 -20.29
CA LEU A 134 -10.04 -3.46 -20.47
C LEU A 134 -9.52 -4.10 -21.74
N VAL A 135 -8.88 -3.34 -22.62
CA VAL A 135 -8.40 -3.88 -23.92
C VAL A 135 -7.18 -4.78 -23.74
N GLY B 1 -26.75 6.06 -16.03
CA GLY B 1 -25.55 5.23 -16.36
C GLY B 1 -25.26 4.38 -15.16
N MSE B 2 -23.99 4.00 -14.99
CA MSE B 2 -23.61 3.15 -13.85
C MSE B 2 -22.99 3.87 -12.69
O MSE B 2 -22.89 3.31 -11.61
CB MSE B 2 -22.62 2.10 -14.31
CG MSE B 2 -23.17 1.15 -15.33
SE MSE B 2 -21.65 0.43 -16.27
CE MSE B 2 -21.29 2.04 -17.55
N ALA B 3 -22.50 5.09 -12.91
CA ALA B 3 -22.04 5.90 -11.81
C ALA B 3 -23.27 6.56 -11.17
N THR B 4 -23.11 7.02 -9.93
CA THR B 4 -24.19 7.68 -9.21
C THR B 4 -24.19 9.14 -9.57
N VAL B 5 -23.26 9.53 -10.44
CA VAL B 5 -23.19 10.88 -10.94
C VAL B 5 -23.01 10.78 -12.44
N ARG B 6 -23.29 11.89 -13.10
CA ARG B 6 -23.10 11.97 -14.54
C ARG B 6 -21.61 11.99 -14.86
N LEU B 7 -21.21 11.37 -15.97
CA LEU B 7 -19.85 11.46 -16.46
C LEU B 7 -19.78 12.44 -17.63
N LEU B 8 -19.10 13.56 -17.42
CA LEU B 8 -19.11 14.66 -18.38
C LEU B 8 -18.24 14.33 -19.58
N ASP B 9 -18.76 14.59 -20.79
CA ASP B 9 -18.02 14.35 -22.03
CA ASP B 9 -18.00 14.34 -22.01
C ASP B 9 -17.26 15.59 -22.43
N ASP B 10 -16.36 15.44 -23.39
CA ASP B 10 -15.52 16.56 -23.84
C ASP B 10 -16.33 17.73 -24.40
N ALA B 11 -17.42 17.42 -25.09
CA ALA B 11 -18.23 18.48 -25.70
C ALA B 11 -18.80 19.42 -24.65
N GLU B 12 -19.35 18.85 -23.58
CA GLU B 12 -19.89 19.63 -22.47
C GLU B 12 -18.81 20.37 -21.72
N ILE B 13 -17.70 19.67 -21.48
CA ILE B 13 -16.57 20.26 -20.74
C ILE B 13 -16.01 21.50 -21.46
N SER B 14 -15.95 21.51 -22.78
CA SER B 14 -15.47 22.70 -23.47
C SER B 14 -16.34 23.95 -23.23
N THR B 15 -17.59 23.75 -22.82
CA THR B 15 -18.45 24.88 -22.45
C THR B 15 -18.25 25.31 -21.00
N LEU B 16 -17.43 24.57 -20.24
CA LEU B 16 -17.27 24.80 -18.82
C LEU B 16 -15.81 25.14 -18.54
N PRO B 17 -15.43 26.40 -18.75
CA PRO B 17 -14.06 26.87 -18.57
C PRO B 17 -13.30 26.35 -17.36
N GLU B 18 -13.90 26.35 -16.18
CA GLU B 18 -13.21 25.86 -15.00
C GLU B 18 -12.80 24.39 -15.19
N VAL B 19 -13.69 23.61 -15.80
CA VAL B 19 -13.50 22.18 -15.94
C VAL B 19 -12.55 21.90 -17.08
N LYS B 20 -12.72 22.66 -18.17
CA LYS B 20 -11.81 22.52 -19.31
C LYS B 20 -10.37 22.84 -18.96
N ALA B 21 -10.14 23.91 -18.20
CA ALA B 21 -8.81 24.21 -17.67
C ALA B 21 -8.14 23.00 -16.98
N VAL B 22 -8.89 22.33 -16.12
CA VAL B 22 -8.37 21.17 -15.37
C VAL B 22 -8.06 20.01 -16.34
N PHE B 23 -9.01 19.70 -17.22
CA PHE B 23 -8.85 18.60 -18.16
C PHE B 23 -7.69 18.81 -19.11
N ASP B 24 -7.50 20.04 -19.56
CA ASP B 24 -6.36 20.30 -20.42
C ASP B 24 -5.05 20.20 -19.71
N ASP B 25 -5.00 20.61 -18.44
CA ASP B 25 -3.83 20.42 -17.60
C ASP B 25 -3.51 18.92 -17.36
N ILE B 26 -4.53 18.12 -17.08
CA ILE B 26 -4.36 16.66 -17.01
C ILE B 26 -3.72 16.12 -18.29
N ARG B 27 -4.24 16.52 -19.44
CA ARG B 27 -3.72 16.06 -20.70
C ARG B 27 -2.31 16.55 -20.94
N ALA B 28 -2.02 17.79 -20.56
CA ALA B 28 -0.69 18.35 -20.78
C ALA B 28 0.31 17.66 -19.88
N THR B 29 -0.13 17.37 -18.66
CA THR B 29 0.71 16.78 -17.63
C THR B 29 1.03 15.34 -17.96
N ARG B 30 0.01 14.59 -18.34
CA ARG B 30 0.14 13.16 -18.63
C ARG B 30 0.65 12.86 -20.01
N GLY B 31 0.62 13.84 -20.90
CA GLY B 31 1.14 13.62 -22.26
C GLY B 31 0.25 12.77 -23.13
N SER B 32 -1.03 12.83 -22.85
CA SER B 32 -2.01 12.04 -23.57
C SER B 32 -3.32 12.80 -23.57
N ASP B 33 -4.11 12.66 -24.63
CA ASP B 33 -5.45 13.26 -24.69
C ASP B 33 -6.50 12.45 -23.90
N PHE B 34 -6.17 11.23 -23.50
CA PHE B 34 -7.11 10.39 -22.73
C PHE B 34 -7.21 10.85 -21.30
N VAL B 35 -8.41 11.16 -20.85
CA VAL B 35 -8.65 11.48 -19.42
C VAL B 35 -9.68 10.47 -18.91
N ASN B 36 -9.36 9.75 -17.86
CA ASN B 36 -10.21 8.66 -17.42
C ASN B 36 -11.40 9.11 -16.58
N ASN B 37 -12.36 8.21 -16.44
CA ASN B 37 -13.67 8.49 -15.88
C ASN B 37 -13.76 9.15 -14.52
N ILE B 38 -12.81 8.84 -13.65
CA ILE B 38 -12.83 9.47 -12.33
C ILE B 38 -12.99 10.97 -12.50
N TRP B 39 -12.25 11.56 -13.45
CA TRP B 39 -12.24 13.03 -13.63
C TRP B 39 -13.56 13.56 -14.17
N ARG B 40 -14.22 12.74 -14.98
CA ARG B 40 -15.45 13.06 -15.62
C ARG B 40 -16.62 13.05 -14.64
N GLY B 41 -16.51 12.29 -13.57
CA GLY B 41 -17.44 12.30 -12.46
C GLY B 41 -17.15 13.44 -11.49
N LEU B 42 -15.87 13.67 -11.17
CA LEU B 42 -15.51 14.83 -10.34
C LEU B 42 -15.90 16.14 -11.00
N ALA B 43 -15.94 16.15 -12.34
CA ALA B 43 -16.28 17.35 -13.11
C ALA B 43 -17.64 17.98 -12.77
N ASN B 44 -18.55 17.20 -12.17
CA ASN B 44 -19.83 17.77 -11.70
C ASN B 44 -19.67 18.85 -10.64
N ASP B 45 -18.55 18.84 -9.92
CA ASP B 45 -18.21 19.90 -8.99
C ASP B 45 -16.83 20.44 -9.30
N PRO B 46 -16.74 21.54 -10.07
CA PRO B 46 -15.45 22.12 -10.42
C PRO B 46 -14.49 22.32 -9.26
N ALA B 47 -14.98 22.75 -8.11
CA ALA B 47 -14.09 23.03 -6.97
C ALA B 47 -13.42 21.78 -6.45
N LEU B 48 -14.21 20.71 -6.34
CA LEU B 48 -13.67 19.44 -5.93
C LEU B 48 -12.72 18.87 -6.98
N LEU B 49 -13.10 19.00 -8.24
CA LEU B 49 -12.27 18.55 -9.32
C LEU B 49 -10.88 19.14 -9.26
N LYS B 50 -10.79 20.46 -9.10
CA LYS B 50 -9.52 21.17 -9.00
C LYS B 50 -8.75 20.84 -7.74
N ARG B 51 -9.41 20.72 -6.60
CA ARG B 51 -8.71 20.32 -5.37
C ARG B 51 -8.07 18.93 -5.48
N THR B 52 -8.78 18.02 -6.14
CA THR B 52 -8.32 16.66 -6.26
C THR B 52 -7.16 16.61 -7.26
N TRP B 53 -7.37 17.20 -8.43
CA TRP B 53 -6.31 17.24 -9.41
C TRP B 53 -5.06 17.93 -8.88
N GLU B 54 -5.21 19.06 -8.17
CA GLU B 54 -4.01 19.74 -7.66
C GLU B 54 -3.20 18.85 -6.71
N GLN B 55 -3.89 18.09 -5.85
CA GLN B 55 -3.21 17.12 -4.99
C GLN B 55 -2.49 16.05 -5.77
N VAL B 56 -3.20 15.47 -6.73
CA VAL B 56 -2.65 14.37 -7.52
C VAL B 56 -1.38 14.86 -8.23
N LYS B 57 -1.49 16.04 -8.84
CA LYS B 57 -0.38 16.63 -9.57
CA LYS B 57 -0.39 16.66 -9.57
C LYS B 57 0.81 16.87 -8.64
N THR B 58 0.57 17.41 -7.44
CA THR B 58 1.65 17.70 -6.50
C THR B 58 2.34 16.46 -5.96
N VAL B 59 1.55 15.46 -5.60
CA VAL B 59 2.07 14.26 -4.95
C VAL B 59 2.67 13.27 -5.93
N MSE B 60 2.06 13.11 -7.10
CA MSE B 60 2.40 12.03 -8.02
C MSE B 60 3.25 12.45 -9.21
O MSE B 60 3.69 11.59 -9.97
CB MSE B 60 1.10 11.41 -8.57
CG MSE B 60 0.16 10.90 -7.49
SE MSE B 60 1.01 9.45 -6.49
CE MSE B 60 0.80 8.18 -7.99
N VAL B 61 3.46 13.76 -9.37
CA VAL B 61 4.19 14.31 -10.52
C VAL B 61 5.31 15.23 -10.06
N GLY B 62 6.46 15.06 -10.71
CA GLY B 62 7.61 15.91 -10.45
C GLY B 62 8.63 15.22 -9.59
N GLU B 63 9.79 15.86 -9.41
CA GLU B 63 10.86 15.31 -8.58
C GLU B 63 10.33 15.20 -7.13
N GLY B 64 10.82 14.19 -6.43
CA GLY B 64 10.35 13.86 -5.10
C GLY B 64 11.18 12.71 -4.58
N ALA B 65 10.89 12.26 -3.37
CA ALA B 65 11.78 11.32 -2.68
C ALA B 65 11.69 9.88 -3.25
N LEU B 66 10.63 9.62 -4.00
CA LEU B 66 10.36 8.29 -4.53
C LEU B 66 10.15 8.40 -6.04
N ASP B 67 10.55 7.40 -6.82
CA ASP B 67 10.33 7.51 -8.27
C ASP B 67 8.86 7.28 -8.63
N PRO B 68 8.43 7.76 -9.80
CA PRO B 68 7.04 7.68 -10.17
C PRO B 68 6.44 6.30 -10.15
N LEU B 69 7.21 5.28 -10.53
CA LEU B 69 6.70 3.91 -10.53
C LEU B 69 6.46 3.45 -9.11
N THR B 70 7.40 3.73 -8.23
CA THR B 70 7.24 3.36 -6.83
C THR B 70 5.96 4.00 -6.26
N ARG B 71 5.73 5.26 -6.56
CA ARG B 71 4.50 5.95 -6.13
C ARG B 71 3.23 5.29 -6.60
N GLU B 72 3.22 4.84 -7.86
CA GLU B 72 2.05 4.14 -8.38
C GLU B 72 1.86 2.77 -7.74
N MSE B 73 2.94 2.09 -7.37
CA MSE B 73 2.80 0.76 -6.78
C MSE B 73 2.22 0.90 -5.37
O MSE B 73 1.37 0.13 -4.95
CB MSE B 73 4.13 0.03 -6.77
CG MSE B 73 4.63 -0.23 -8.18
SE MSE B 73 6.27 -1.27 -8.27
CE MSE B 73 7.10 -0.84 -6.56
N ILE B 74 2.67 1.92 -4.65
CA ILE B 74 2.10 2.19 -3.36
C ILE B 74 0.60 2.52 -3.52
N TYR B 75 0.27 3.38 -4.47
CA TYR B 75 -1.13 3.77 -4.74
C TYR B 75 -1.99 2.56 -5.06
N LEU B 76 -1.41 1.64 -5.82
CA LEU B 76 -2.11 0.42 -6.18
C LEU B 76 -2.34 -0.47 -4.99
N ALA B 77 -1.34 -0.63 -4.13
CA ALA B 77 -1.53 -1.44 -2.93
C ALA B 77 -2.59 -0.85 -2.00
N VAL B 78 -2.59 0.48 -1.85
CA VAL B 78 -3.58 1.16 -1.01
C VAL B 78 -4.95 0.97 -1.60
N SER B 79 -5.07 1.14 -2.93
CA SER B 79 -6.36 1.02 -3.58
C SER B 79 -6.96 -0.37 -3.33
N THR B 80 -6.08 -1.36 -3.29
CA THR B 80 -6.48 -2.75 -3.11
C THR B 80 -6.96 -2.98 -1.73
N ALA B 81 -6.22 -2.46 -0.74
CA ALA B 81 -6.55 -2.68 0.65
C ALA B 81 -7.86 -1.96 0.97
N ASN B 82 -8.12 -0.83 0.28
CA ASN B 82 -9.40 -0.11 0.38
C ASN B 82 -10.55 -0.71 -0.45
N SER B 83 -10.28 -1.85 -1.08
N SER B 83 -10.28 -1.83 -1.11
CA SER B 83 -11.18 -2.58 -2.01
CA SER B 83 -11.27 -2.51 -1.93
C SER B 83 -11.93 -1.75 -3.06
C SER B 83 -12.01 -1.55 -2.89
N CYS B 84 -11.24 -0.77 -3.64
CA CYS B 84 -11.79 0.06 -4.72
C CYS B 84 -11.48 -0.61 -6.04
N SER B 85 -12.49 -1.19 -6.68
CA SER B 85 -12.30 -1.94 -7.92
CA SER B 85 -12.29 -1.95 -7.90
C SER B 85 -11.81 -1.09 -9.09
N TYR B 86 -12.44 0.07 -9.26
CA TYR B 86 -12.01 0.99 -10.30
C TYR B 86 -10.54 1.38 -10.09
N CYS B 87 -10.19 1.65 -8.84
CA CYS B 87 -8.83 2.10 -8.52
C CYS B 87 -7.80 1.02 -8.75
N ALA B 88 -8.18 -0.24 -8.55
CA ALA B 88 -7.28 -1.35 -8.88
C ALA B 88 -6.94 -1.36 -10.38
N HIS B 89 -7.97 -1.19 -11.21
CA HIS B 89 -7.76 -1.06 -12.64
C HIS B 89 -6.92 0.15 -13.06
N SER B 90 -7.34 1.34 -12.67
CA SER B 90 -6.65 2.55 -13.12
C SER B 90 -5.21 2.58 -12.65
N HIS B 91 -4.93 2.21 -11.41
CA HIS B 91 -3.54 2.27 -10.95
C HIS B 91 -2.67 1.10 -11.38
N THR B 92 -3.29 0.01 -11.82
CA THR B 92 -2.51 -1.06 -12.44
C THR B 92 -2.11 -0.58 -13.87
N ALA B 93 -3.03 0.11 -14.54
CA ALA B 93 -2.73 0.63 -15.86
C ALA B 93 -1.64 1.69 -15.76
N ALA B 94 -1.75 2.57 -14.77
CA ALA B 94 -0.78 3.63 -14.54
C ALA B 94 0.59 3.08 -14.17
N ALA B 95 0.62 2.06 -13.31
CA ALA B 95 1.88 1.38 -12.96
C ALA B 95 2.55 0.79 -14.22
N ARG B 96 1.74 0.14 -15.07
CA ARG B 96 2.26 -0.43 -16.32
C ARG B 96 2.84 0.64 -17.23
N ALA B 97 2.12 1.75 -17.33
CA ALA B 97 2.55 2.88 -18.12
C ALA B 97 3.85 3.43 -17.54
N LYS B 98 4.02 3.40 -16.22
CA LYS B 98 5.29 3.86 -15.68
C LYS B 98 6.41 2.80 -15.65
N GLY B 99 6.25 1.72 -16.40
CA GLY B 99 7.31 0.71 -16.56
C GLY B 99 7.22 -0.57 -15.75
N MSE B 100 6.15 -0.76 -14.98
CA MSE B 100 6.01 -2.00 -14.18
C MSE B 100 6.08 -3.22 -15.09
O MSE B 100 5.33 -3.32 -16.06
CB MSE B 100 4.70 -2.00 -13.39
CG MSE B 100 4.65 -3.14 -12.38
SE MSE B 100 3.12 -3.07 -11.28
CE MSE B 100 1.89 -3.34 -12.79
N THR B 101 7.03 -4.09 -14.77
CA THR B 101 7.22 -5.37 -15.43
C THR B 101 6.29 -6.43 -14.81
N PRO B 102 6.03 -7.53 -15.55
CA PRO B 102 5.37 -8.71 -14.97
C PRO B 102 5.96 -9.17 -13.65
N ALA B 103 7.30 -9.30 -13.61
CA ALA B 103 7.99 -9.67 -12.39
C ALA B 103 7.69 -8.70 -11.22
N GLN B 104 7.71 -7.41 -11.50
CA GLN B 104 7.45 -6.41 -10.47
C GLN B 104 5.99 -6.47 -10.01
N HIS B 105 5.08 -6.62 -10.96
CA HIS B 105 3.65 -6.77 -10.66
C HIS B 105 3.38 -7.95 -9.74
N ALA B 106 4.03 -9.07 -10.04
CA ALA B 106 3.83 -10.30 -9.29
C ALA B 106 4.29 -10.09 -7.85
N GLU B 107 5.42 -9.40 -7.68
CA GLU B 107 5.95 -9.10 -6.35
C GLU B 107 5.03 -8.13 -5.58
N VAL B 108 4.51 -7.11 -6.25
CA VAL B 108 3.55 -6.19 -5.61
C VAL B 108 2.34 -6.96 -5.08
N LEU B 109 1.82 -7.86 -5.91
CA LEU B 109 0.71 -8.71 -5.50
C LEU B 109 1.05 -9.56 -4.31
N ALA B 110 2.21 -10.20 -4.40
CA ALA B 110 2.69 -11.02 -3.31
C ALA B 110 2.76 -10.28 -1.98
N ILE B 111 3.24 -9.04 -2.01
CA ILE B 111 3.33 -8.24 -0.81
C ILE B 111 1.94 -7.86 -0.30
N ILE B 112 1.05 -7.50 -1.21
CA ILE B 112 -0.31 -7.11 -0.84
C ILE B 112 -0.99 -8.31 -0.16
N GLY B 113 -0.89 -9.49 -0.75
CA GLY B 113 -1.44 -10.71 -0.11
C GLY B 113 -0.85 -11.03 1.26
N LEU B 114 0.47 -10.99 1.35
CA LEU B 114 1.16 -11.31 2.61
C LEU B 114 0.81 -10.32 3.68
N ALA B 115 0.86 -9.03 3.34
CA ALA B 115 0.52 -7.99 4.28
C ALA B 115 -0.91 -8.13 4.78
N ALA B 116 -1.84 -8.45 3.90
CA ALA B 116 -3.23 -8.60 4.31
C ALA B 116 -3.32 -9.74 5.33
N GLN B 117 -2.56 -10.82 5.08
CA GLN B 117 -2.52 -11.97 5.97
C GLN B 117 -1.97 -11.61 7.35
N THR B 118 -0.78 -11.04 7.39
CA THR B 118 -0.17 -10.72 8.69
C THR B 118 -0.95 -9.66 9.43
N ASN B 119 -1.53 -8.72 8.69
CA ASN B 119 -2.35 -7.69 9.34
C ASN B 119 -3.55 -8.34 10.08
N ALA B 120 -4.21 -9.26 9.38
CA ALA B 120 -5.37 -10.00 9.93
C ALA B 120 -5.01 -10.86 11.16
N LEU B 121 -3.88 -11.58 11.06
CA LEU B 121 -3.34 -12.38 12.16
C LEU B 121 -3.00 -11.53 13.37
N VAL B 122 -2.29 -10.41 13.16
CA VAL B 122 -1.97 -9.49 14.25
C VAL B 122 -3.26 -8.98 14.92
N THR B 123 -4.27 -8.69 14.12
CA THR B 123 -5.51 -8.12 14.64
C THR B 123 -6.25 -9.17 15.44
N ALA B 124 -6.27 -10.40 14.96
CA ALA B 124 -6.93 -11.47 15.70
C ALA B 124 -6.22 -11.78 17.02
N MSE B 125 -4.89 -11.66 17.03
CA MSE B 125 -4.08 -11.94 18.23
C MSE B 125 -3.95 -10.75 19.19
O MSE B 125 -3.50 -10.90 20.33
CB MSE B 125 -2.67 -12.42 17.82
CG MSE B 125 -2.69 -13.77 17.14
SE MSE B 125 -0.97 -14.49 16.73
CE MSE B 125 -0.39 -13.19 15.45
N GLN B 126 -4.33 -9.56 18.70
CA GLN B 126 -4.21 -8.32 19.43
C GLN B 126 -2.79 -8.14 19.99
N ILE B 127 -1.80 -8.39 19.14
CA ILE B 127 -0.40 -8.28 19.51
C ILE B 127 -0.16 -6.86 19.98
N PRO B 128 0.36 -6.70 21.21
CA PRO B 128 0.75 -5.37 21.66
C PRO B 128 2.09 -4.89 21.09
N VAL B 129 2.19 -3.57 20.91
CA VAL B 129 3.35 -2.93 20.31
C VAL B 129 4.57 -3.16 21.18
N ASP B 130 5.61 -3.73 20.57
CA ASP B 130 6.88 -3.95 21.24
C ASP B 130 7.43 -2.64 21.78
N GLU B 131 7.98 -2.69 22.98
CA GLU B 131 8.49 -1.47 23.60
CA GLU B 131 8.54 -1.49 23.62
C GLU B 131 9.66 -0.92 22.76
N ALA B 132 10.37 -1.80 22.08
CA ALA B 132 11.48 -1.41 21.21
C ALA B 132 11.00 -0.51 20.08
N PHE B 133 9.76 -0.68 19.64
CA PHE B 133 9.17 0.25 18.66
C PHE B 133 8.86 1.64 19.24
N LEU B 134 8.88 1.82 20.56
CA LEU B 134 8.41 3.08 21.16
C LEU B 134 9.53 3.98 21.66
N VAL B 135 10.78 3.55 21.52
CA VAL B 135 11.90 4.38 21.89
C VAL B 135 12.11 5.57 20.91
N ASP B 136 12.37 6.77 21.47
CA ASP B 136 12.42 8.01 20.69
C ASP B 136 13.67 8.08 19.82
NA NA C . 8.60 -18.50 29.85
O1 UNL D . 1.69 -6.91 9.84
O2 UNL D . 3.09 -7.35 9.73
O3 UNL D . 4.33 -7.06 11.98
O4 UNL D . 5.23 -8.83 9.95
O5 UNL D . 5.84 -9.55 8.39
C ACY E . 10.71 9.81 9.90
O ACY E . 9.65 10.50 9.89
OXT ACY E . 10.91 8.79 9.18
CH3 ACY E . 11.79 10.25 10.84
C ACY F . -2.08 -19.01 17.48
O ACY F . -1.55 -18.71 16.38
OXT ACY F . -1.95 -18.31 18.51
CH3 ACY F . -2.88 -20.27 17.56
O1 UNL G . -8.19 6.01 -6.83
O2 UNL G . -7.54 6.67 -7.94
O3 UNL G . -8.34 6.38 -10.45
O5 UNL G . -6.62 8.66 -11.18
O4 UNL G . -6.26 8.94 -12.58
O6 UNL G . -6.38 9.14 -8.95
O8 UNL G . -4.17 9.47 -9.10
O7 UNL G . -2.86 9.45 -9.82
C ACY H . -17.06 21.59 -2.36
O ACY H . -16.47 21.89 -1.30
OXT ACY H . -17.33 22.42 -3.25
CH3 ACY H . -17.46 20.17 -2.60
C ACY I . -0.67 11.46 -12.73
O ACY I . -0.77 12.35 -13.61
OXT ACY I . -1.55 11.14 -11.92
CH3 ACY I . 0.63 10.72 -12.60
#